data_7KHQ
#
_entry.id   7KHQ
#
_cell.length_a   44.285
_cell.length_b   105.487
_cell.length_c   125.665
_cell.angle_alpha   90.000
_cell.angle_beta   90.000
_cell.angle_gamma   90.000
#
_symmetry.space_group_name_H-M   'P 2 21 21'
#
loop_
_entity.id
_entity.type
_entity.pdbx_description
1 polymer Beta-lactamase
2 non-polymer '(4R,5S)-3-{[(3S,5S)-5-(dimethylcarbamoyl)pyrrolidin-3-yl]sulfanyl}-5-[(2S,3R)-3-hydroxy-1-oxobutan-2-yl]-4-methyl-4,5-d ihydro-1H-pyrrole-2-carboxylic acid'
3 non-polymer 'CHLORIDE ION'
4 non-polymer 'ZINC ION'
5 water water
#
_entity_poly.entity_id   1
_entity_poly.type   'polypeptide(L)'
_entity_poly.pdbx_seq_one_letter_code
;GHMWQENKSWNAHFTEHKSQGVVVLWNENKQQGFTNNLKRANQAFLPASTFAIPNSLIALDLGVVKDEHQVFKWDGQTRD
IATWNRDHNLITAMKYSVVPVYQEFARQIGEARMSKMLHAFDYGNEDISGNVDSFWLDGGIRISATEQISFLRKLYHNKL
HVSERSQRIVKQAMLTEANGDYIIRAKTGYSTRIEPKIGWWVGWVELDDNVWFFAMNMDMPTSDGLGLRQAITKEVLKQE
KIIP
;
_entity_poly.pdbx_strand_id   A,B
#
loop_
_chem_comp.id
_chem_comp.type
_chem_comp.name
_chem_comp.formula
CL non-polymer 'CHLORIDE ION' 'Cl -1'
MER non-polymer '(4R,5S)-3-{[(3S,5S)-5-(dimethylcarbamoyl)pyrrolidin-3-yl]sulfanyl}-5-[(2S,3R)-3-hydroxy-1-oxobutan-2-yl]-4-methyl-4,5-d ihydro-1H-pyrrole-2-carboxylic acid' 'C17 H27 N3 O5 S'
ZN non-polymer 'ZINC ION' 'Zn 2'
#
# COMPACT_ATOMS: atom_id res chain seq x y z
N MET A 3 -28.64 10.71 -5.58
CA MET A 3 -27.64 9.89 -4.91
C MET A 3 -27.27 8.66 -5.74
N TRP A 4 -28.28 7.95 -6.24
CA TRP A 4 -28.06 6.70 -6.95
C TRP A 4 -28.55 6.82 -8.38
N GLN A 5 -27.86 6.12 -9.28
CA GLN A 5 -28.16 6.14 -10.71
C GLN A 5 -27.88 4.77 -11.29
N GLU A 6 -28.81 4.29 -12.11
CA GLU A 6 -28.69 2.98 -12.74
C GLU A 6 -28.19 3.14 -14.17
N ASN A 7 -27.09 2.47 -14.49
CA ASN A 7 -26.48 2.48 -15.82
C ASN A 7 -26.53 1.04 -16.33
N LYS A 8 -27.60 0.71 -17.07
CA LYS A 8 -27.80 -0.65 -17.54
C LYS A 8 -26.81 -1.06 -18.64
N SER A 9 -26.04 -0.11 -19.17
CA SER A 9 -25.06 -0.47 -20.20
C SER A 9 -23.99 -1.40 -19.65
N TRP A 10 -23.69 -1.32 -18.34
CA TRP A 10 -22.71 -2.21 -17.74
C TRP A 10 -23.12 -3.67 -17.83
N ASN A 11 -24.41 -3.95 -18.02
CA ASN A 11 -24.86 -5.33 -18.14
C ASN A 11 -24.18 -6.04 -19.30
N ALA A 12 -23.78 -5.29 -20.33
CA ALA A 12 -23.03 -5.88 -21.44
C ALA A 12 -21.75 -6.55 -20.96
N HIS A 13 -21.11 -6.00 -19.91
CA HIS A 13 -19.91 -6.60 -19.38
C HIS A 13 -20.20 -7.93 -18.70
N PHE A 14 -21.40 -8.11 -18.17
CA PHE A 14 -21.77 -9.40 -17.61
C PHE A 14 -22.19 -10.36 -18.72
N THR A 15 -23.08 -9.92 -19.61
CA THR A 15 -23.61 -10.81 -20.64
C THR A 15 -22.52 -11.25 -21.62
N GLU A 16 -21.61 -10.36 -21.98
CA GLU A 16 -20.55 -10.73 -22.92
C GLU A 16 -19.68 -11.85 -22.38
N HIS A 17 -19.69 -12.10 -21.08
CA HIS A 17 -19.02 -13.24 -20.48
C HIS A 17 -20.00 -14.34 -20.09
N LYS A 18 -21.26 -14.25 -20.53
CA LYS A 18 -22.31 -15.19 -20.14
C LYS A 18 -22.42 -15.27 -18.62
N SER A 19 -22.37 -14.12 -17.97
CA SER A 19 -22.43 -14.02 -16.53
C SER A 19 -23.61 -13.15 -16.11
N GLN A 20 -23.97 -13.24 -14.83
CA GLN A 20 -24.92 -12.32 -14.24
C GLN A 20 -24.42 -11.91 -12.87
N GLY A 21 -24.68 -10.66 -12.51
CA GLY A 21 -24.18 -10.12 -11.27
C GLY A 21 -24.39 -8.62 -11.23
N VAL A 22 -23.74 -7.98 -10.28
CA VAL A 22 -23.92 -6.55 -10.05
C VAL A 22 -22.56 -5.93 -9.75
N VAL A 23 -22.35 -4.73 -10.28
CA VAL A 23 -21.23 -3.87 -9.89
C VAL A 23 -21.81 -2.60 -9.30
N VAL A 24 -21.36 -2.24 -8.11
CA VAL A 24 -21.78 -1.02 -7.43
C VAL A 24 -20.56 -0.14 -7.23
N LEU A 25 -20.64 1.10 -7.71
CA LEU A 25 -19.57 2.06 -7.53
C LEU A 25 -20.08 3.24 -6.70
N TRP A 26 -19.20 3.80 -5.89
CA TRP A 26 -19.51 4.97 -5.08
C TRP A 26 -18.41 6.00 -5.25
N ASN A 27 -18.78 7.15 -5.81
CA ASN A 27 -17.86 8.26 -5.97
C ASN A 27 -17.82 9.06 -4.68
N GLU A 28 -16.70 9.00 -3.97
CA GLU A 28 -16.66 9.56 -2.62
C GLU A 28 -16.74 11.08 -2.64
N ASN A 29 -16.10 11.73 -3.61
CA ASN A 29 -16.11 13.19 -3.65
C ASN A 29 -17.51 13.73 -3.92
N LYS A 30 -18.20 13.17 -4.91
CA LYS A 30 -19.51 13.64 -5.31
C LYS A 30 -20.64 13.01 -4.50
N GLN A 31 -20.33 12.05 -3.64
CA GLN A 31 -21.33 11.33 -2.85
C GLN A 31 -22.43 10.78 -3.75
N GLN A 32 -22.02 10.07 -4.80
CA GLN A 32 -22.91 9.56 -5.83
C GLN A 32 -22.61 8.09 -6.08
N GLY A 33 -23.68 7.31 -6.28
CA GLY A 33 -23.54 5.87 -6.49
C GLY A 33 -24.07 5.47 -7.85
N PHE A 34 -23.45 4.42 -8.41
CA PHE A 34 -23.78 3.93 -9.74
C PHE A 34 -23.78 2.40 -9.71
N THR A 35 -24.71 1.81 -10.44
CA THR A 35 -24.81 0.35 -10.51
C THR A 35 -25.61 -0.05 -11.74
N ASN A 36 -25.36 -1.28 -12.20
CA ASN A 36 -26.12 -1.84 -13.31
C ASN A 36 -27.44 -2.45 -12.89
N ASN A 37 -27.63 -2.69 -11.58
CA ASN A 37 -28.80 -3.42 -11.09
C ASN A 37 -29.08 -2.91 -9.68
N LEU A 38 -30.02 -1.96 -9.58
CA LEU A 38 -30.33 -1.36 -8.28
C LEU A 38 -30.82 -2.41 -7.28
N LYS A 39 -31.58 -3.39 -7.75
CA LYS A 39 -32.14 -4.37 -6.83
C LYS A 39 -31.08 -5.37 -6.36
N ARG A 40 -30.28 -5.91 -7.28
CA ARG A 40 -29.23 -6.82 -6.86
C ARG A 40 -28.15 -6.10 -6.05
N ALA A 41 -27.98 -4.80 -6.27
CA ALA A 41 -27.07 -4.02 -5.45
C ALA A 41 -27.45 -4.11 -3.98
N ASN A 42 -28.72 -4.35 -3.68
CA ASN A 42 -29.20 -4.47 -2.31
C ASN A 42 -29.47 -5.91 -1.90
N GLN A 43 -29.16 -6.88 -2.76
CA GLN A 43 -29.36 -8.28 -2.43
C GLN A 43 -28.23 -8.77 -1.52
N ALA A 44 -28.60 -9.39 -0.40
CA ALA A 44 -27.65 -9.77 0.64
C ALA A 44 -27.23 -11.23 0.48
N PHE A 45 -25.93 -11.49 0.56
CA PHE A 45 -25.38 -12.83 0.45
C PHE A 45 -24.43 -13.10 1.61
N LEU A 46 -24.00 -14.36 1.71
CA LEU A 46 -22.93 -14.70 2.63
C LEU A 46 -21.66 -13.95 2.23
N PRO A 47 -20.94 -13.38 3.19
CA PRO A 47 -19.71 -12.63 2.83
C PRO A 47 -18.57 -13.53 2.38
N ALA A 48 -18.51 -14.76 2.88
CA ALA A 48 -17.42 -15.71 2.56
C ALA A 48 -16.10 -15.04 2.89
N SER A 49 -15.09 -15.10 2.00
CA SER A 49 -13.76 -14.60 2.31
C SER A 49 -13.69 -13.09 2.48
N THR A 50 -14.72 -12.33 2.05
CA THR A 50 -14.70 -10.89 2.30
C THR A 50 -14.86 -10.58 3.78
N PHE A 51 -15.34 -11.53 4.58
CA PHE A 51 -15.36 -11.37 6.03
C PHE A 51 -13.95 -11.34 6.63
N ALA A 52 -12.92 -11.62 5.84
CA ALA A 52 -11.56 -11.47 6.32
C ALA A 52 -11.27 -10.06 6.81
N ILE A 53 -11.96 -9.07 6.25
CA ILE A 53 -11.72 -7.67 6.61
C ILE A 53 -12.22 -7.42 8.04
N PRO A 54 -13.51 -7.58 8.36
CA PRO A 54 -13.92 -7.32 9.74
C PRO A 54 -13.32 -8.29 10.74
N ASN A 55 -13.09 -9.54 10.33
CA ASN A 55 -12.43 -10.51 11.22
C ASN A 55 -11.04 -10.03 11.62
N SER A 56 -10.27 -9.51 10.67
CA SER A 56 -8.93 -9.04 10.98
C SER A 56 -8.94 -7.82 11.88
N LEU A 57 -9.85 -6.87 11.61
CA LEU A 57 -9.96 -5.68 12.45
C LEU A 57 -10.23 -6.06 13.91
N ILE A 58 -11.18 -6.98 14.12
CA ILE A 58 -11.53 -7.39 15.47
C ILE A 58 -10.37 -8.13 16.13
N ALA A 59 -9.77 -9.06 15.40
CA ALA A 59 -8.64 -9.82 15.95
C ALA A 59 -7.49 -8.90 16.34
N LEU A 60 -7.30 -7.81 15.61
CA LEU A 60 -6.25 -6.86 15.95
C LEU A 60 -6.64 -6.02 17.16
N ASP A 61 -7.87 -5.51 17.17
CA ASP A 61 -8.31 -4.62 18.24
C ASP A 61 -8.39 -5.32 19.59
N LEU A 62 -8.56 -6.64 19.60
CA LEU A 62 -8.68 -7.39 20.84
C LEU A 62 -7.38 -8.06 21.26
N GLY A 63 -6.28 -7.84 20.55
CA GLY A 63 -5.03 -8.46 20.88
C GLY A 63 -4.90 -9.91 20.47
N VAL A 64 -5.90 -10.46 19.78
CA VAL A 64 -5.76 -11.80 19.21
C VAL A 64 -4.59 -11.86 18.25
N VAL A 65 -4.42 -10.81 17.45
CA VAL A 65 -3.28 -10.64 16.56
C VAL A 65 -2.48 -9.45 17.04
N LYS A 66 -1.17 -9.63 17.19
CA LYS A 66 -0.33 -8.57 17.71
C LYS A 66 -0.01 -7.52 16.65
N ASP A 67 0.42 -7.97 15.47
CA ASP A 67 0.71 -7.07 14.36
C ASP A 67 0.72 -7.88 13.07
N GLU A 68 1.01 -7.20 11.96
CA GLU A 68 0.99 -7.82 10.65
C GLU A 68 2.13 -8.81 10.44
N HIS A 69 3.07 -8.92 11.39
CA HIS A 69 4.20 -9.83 11.24
C HIS A 69 4.02 -11.15 11.98
N GLN A 70 3.15 -11.19 12.98
CA GLN A 70 2.96 -12.40 13.78
C GLN A 70 2.63 -13.60 12.90
N VAL A 71 3.43 -14.65 13.04
CA VAL A 71 3.28 -15.84 12.22
C VAL A 71 2.22 -16.75 12.83
N PHE A 72 1.33 -17.27 11.99
CA PHE A 72 0.36 -18.28 12.37
C PHE A 72 0.80 -19.60 11.73
N LYS A 73 1.33 -20.50 12.55
CA LYS A 73 1.88 -21.75 12.03
C LYS A 73 0.82 -22.59 11.37
N TRP A 74 1.18 -23.22 10.25
CA TRP A 74 0.33 -24.21 9.61
C TRP A 74 0.03 -25.35 10.59
N ASP A 75 -1.23 -25.75 10.67
CA ASP A 75 -1.61 -26.79 11.64
C ASP A 75 -1.30 -28.20 11.16
N GLY A 76 -0.60 -28.34 10.03
CA GLY A 76 -0.24 -29.64 9.51
C GLY A 76 -1.32 -30.35 8.73
N GLN A 77 -2.58 -29.96 8.89
CA GLN A 77 -3.67 -30.57 8.16
C GLN A 77 -3.63 -30.13 6.70
N THR A 78 -3.46 -31.09 5.79
CA THR A 78 -3.33 -30.79 4.37
C THR A 78 -4.71 -30.55 3.77
N ARG A 79 -4.96 -29.33 3.32
CA ARG A 79 -6.24 -28.94 2.73
C ARG A 79 -6.09 -28.79 1.22
N ASP A 80 -7.22 -28.54 0.57
CA ASP A 80 -7.28 -28.62 -0.89
C ASP A 80 -6.53 -27.47 -1.56
N ILE A 81 -6.42 -26.32 -0.89
CA ILE A 81 -5.74 -25.17 -1.45
C ILE A 81 -4.31 -25.15 -0.92
N ALA A 82 -3.34 -25.32 -1.83
CA ALA A 82 -1.96 -25.55 -1.43
C ALA A 82 -1.40 -24.38 -0.63
N THR A 83 -1.74 -23.14 -1.03
CA THR A 83 -1.23 -21.97 -0.34
C THR A 83 -1.71 -21.89 1.11
N TRP A 84 -2.75 -22.63 1.48
CA TRP A 84 -3.14 -22.71 2.87
C TRP A 84 -2.20 -23.63 3.68
N ASN A 85 -1.51 -24.55 3.00
CA ASN A 85 -0.64 -25.52 3.67
C ASN A 85 0.77 -24.94 3.88
N ARG A 86 0.82 -23.79 4.55
CA ARG A 86 2.08 -23.14 4.89
C ARG A 86 1.79 -22.18 6.04
N ASP A 87 2.86 -21.63 6.63
CA ASP A 87 2.66 -20.60 7.63
C ASP A 87 2.25 -19.28 6.98
N HIS A 88 1.57 -18.44 7.76
CA HIS A 88 1.05 -17.19 7.24
C HIS A 88 1.11 -16.11 8.31
N ASN A 89 1.11 -14.87 7.86
CA ASN A 89 0.87 -13.71 8.72
C ASN A 89 -0.42 -13.05 8.27
N LEU A 90 -0.75 -11.91 8.87
CA LEU A 90 -2.00 -11.24 8.56
C LEU A 90 -2.07 -10.80 7.10
N ILE A 91 -0.92 -10.50 6.49
CA ILE A 91 -0.90 -10.03 5.11
C ILE A 91 -1.10 -11.17 4.13
N THR A 92 -0.34 -12.26 4.29
CA THR A 92 -0.49 -13.40 3.40
C THR A 92 -1.76 -14.20 3.68
N ALA A 93 -2.30 -14.12 4.90
CA ALA A 93 -3.58 -14.74 5.17
C ALA A 93 -4.67 -14.11 4.31
N MET A 94 -4.66 -12.79 4.16
CA MET A 94 -5.66 -12.12 3.35
C MET A 94 -5.38 -12.30 1.86
N LYS A 95 -4.11 -12.30 1.47
CA LYS A 95 -3.76 -12.47 0.06
C LYS A 95 -4.21 -13.83 -0.46
N TYR A 96 -4.07 -14.88 0.35
CA TYR A 96 -4.38 -16.24 -0.07
C TYR A 96 -5.69 -16.76 0.54
N SER A 97 -6.45 -15.90 1.22
CA SER A 97 -7.78 -16.25 1.73
C SER A 97 -7.74 -17.49 2.61
N VAL A 98 -6.79 -17.51 3.56
CA VAL A 98 -6.55 -18.71 4.36
C VAL A 98 -7.61 -18.82 5.45
N VAL A 99 -8.69 -19.55 5.14
CA VAL A 99 -9.79 -19.72 6.10
C VAL A 99 -9.32 -20.26 7.45
N PRO A 100 -8.51 -21.34 7.52
CA PRO A 100 -8.11 -21.85 8.85
C PRO A 100 -7.52 -20.81 9.77
N VAL A 101 -6.81 -19.82 9.23
CA VAL A 101 -6.33 -18.71 10.04
C VAL A 101 -7.50 -17.92 10.60
N TYR A 102 -8.45 -17.58 9.73
CA TYR A 102 -9.58 -16.75 10.15
C TYR A 102 -10.51 -17.50 11.09
N GLN A 103 -10.60 -18.81 10.97
CA GLN A 103 -11.41 -19.58 11.90
C GLN A 103 -10.78 -19.59 13.29
N GLU A 104 -9.45 -19.69 13.35
CA GLU A 104 -8.76 -19.55 14.63
C GLU A 104 -9.00 -18.17 15.22
N PHE A 105 -8.94 -17.12 14.39
CA PHE A 105 -9.30 -15.77 14.82
C PHE A 105 -10.67 -15.77 15.51
N ALA A 106 -11.67 -16.29 14.80
CA ALA A 106 -13.05 -16.20 15.28
C ALA A 106 -13.24 -16.91 16.62
N ARG A 107 -12.62 -18.07 16.78
CA ARG A 107 -12.75 -18.81 18.04
C ARG A 107 -12.17 -18.02 19.20
N GLN A 108 -11.03 -17.37 18.99
CA GLN A 108 -10.43 -16.59 20.08
C GLN A 108 -11.24 -15.31 20.36
N ILE A 109 -11.90 -14.76 19.35
CA ILE A 109 -12.74 -13.58 19.57
C ILE A 109 -13.95 -13.93 20.43
N GLY A 110 -14.59 -15.06 20.16
CA GLY A 110 -15.76 -15.49 20.90
C GLY A 110 -17.05 -14.96 20.33
N GLU A 111 -18.14 -15.68 20.63
CA GLU A 111 -19.46 -15.32 20.12
C GLU A 111 -19.88 -13.93 20.59
N ALA A 112 -19.73 -13.66 21.89
CA ALA A 112 -20.23 -12.42 22.45
C ALA A 112 -19.51 -11.21 21.89
N ARG A 113 -18.19 -11.31 21.75
CA ARG A 113 -17.42 -10.17 21.23
C ARG A 113 -17.60 -10.03 19.72
N MET A 114 -17.63 -11.15 18.99
CA MET A 114 -17.95 -11.12 17.57
C MET A 114 -19.27 -10.40 17.33
N SER A 115 -20.32 -10.79 18.06
CA SER A 115 -21.65 -10.21 17.85
C SER A 115 -21.66 -8.72 18.17
N LYS A 116 -21.09 -8.33 19.30
CA LYS A 116 -21.09 -6.92 19.69
C LYS A 116 -20.36 -6.07 18.66
N MET A 117 -19.25 -6.58 18.12
CA MET A 117 -18.44 -5.77 17.22
C MET A 117 -19.09 -5.63 15.85
N LEU A 118 -19.73 -6.69 15.35
CA LEU A 118 -20.43 -6.58 14.08
C LEU A 118 -21.61 -5.62 14.17
N HIS A 119 -22.26 -5.53 15.34
CA HIS A 119 -23.28 -4.51 15.52
C HIS A 119 -22.66 -3.11 15.58
N ALA A 120 -21.56 -2.96 16.32
CA ALA A 120 -20.84 -1.70 16.32
C ALA A 120 -20.42 -1.32 14.90
N PHE A 121 -19.99 -2.32 14.10
CA PHE A 121 -19.62 -2.08 12.72
C PHE A 121 -20.83 -1.79 11.83
N ASP A 122 -22.05 -2.10 12.29
CA ASP A 122 -23.25 -2.01 11.45
C ASP A 122 -23.09 -2.89 10.21
N TYR A 123 -22.57 -4.09 10.40
CA TYR A 123 -22.10 -4.94 9.30
C TYR A 123 -23.21 -5.89 8.87
N GLY A 124 -23.77 -5.64 7.68
CA GLY A 124 -24.77 -6.54 7.13
C GLY A 124 -25.98 -6.68 8.04
N ASN A 125 -26.50 -7.90 8.15
CA ASN A 125 -27.61 -8.15 9.06
C ASN A 125 -27.16 -8.48 10.48
N GLU A 126 -25.85 -8.46 10.74
CA GLU A 126 -25.28 -8.56 12.08
C GLU A 126 -25.63 -9.89 12.77
N ASP A 127 -25.91 -10.93 11.99
CA ASP A 127 -26.37 -12.21 12.53
C ASP A 127 -25.24 -13.23 12.43
N ILE A 128 -24.76 -13.71 13.58
CA ILE A 128 -23.65 -14.66 13.60
C ILE A 128 -24.14 -16.08 13.88
N SER A 129 -25.41 -16.37 13.58
CA SER A 129 -25.96 -17.70 13.84
C SER A 129 -25.15 -18.77 13.11
N GLY A 130 -24.92 -19.89 13.80
CA GLY A 130 -24.12 -20.96 13.26
C GLY A 130 -22.84 -21.17 14.06
N ASN A 131 -21.89 -21.91 13.51
CA ASN A 131 -20.62 -22.09 14.18
C ASN A 131 -19.89 -20.77 14.30
N VAL A 132 -19.28 -20.53 15.46
CA VAL A 132 -18.53 -19.29 15.67
C VAL A 132 -17.38 -19.18 14.68
N ASP A 133 -16.93 -20.32 14.13
CA ASP A 133 -15.82 -20.34 13.19
C ASP A 133 -16.24 -20.66 11.76
N SER A 134 -17.54 -20.59 11.46
CA SER A 134 -17.97 -20.79 10.07
C SER A 134 -19.19 -19.97 9.69
N PHE A 135 -19.64 -19.01 10.51
CA PHE A 135 -20.92 -18.36 10.23
C PHE A 135 -20.87 -17.51 8.97
N TRP A 136 -19.70 -16.96 8.62
CA TRP A 136 -19.58 -16.22 7.37
C TRP A 136 -19.51 -17.11 6.14
N LEU A 137 -19.40 -18.43 6.33
CA LEU A 137 -19.32 -19.40 5.25
C LEU A 137 -20.61 -20.18 5.05
N ASP A 138 -21.28 -20.57 6.15
CA ASP A 138 -22.50 -21.36 6.05
C ASP A 138 -23.47 -21.07 7.19
N GLY A 139 -23.39 -19.87 7.77
CA GLY A 139 -24.28 -19.47 8.84
C GLY A 139 -25.27 -18.42 8.42
N GLY A 140 -25.70 -17.59 9.36
CA GLY A 140 -26.77 -16.65 9.13
C GLY A 140 -26.38 -15.25 8.68
N ILE A 141 -25.09 -14.92 8.61
CA ILE A 141 -24.71 -13.55 8.29
C ILE A 141 -24.93 -13.30 6.80
N ARG A 142 -25.54 -12.16 6.49
CA ARG A 142 -25.80 -11.75 5.11
C ARG A 142 -25.46 -10.29 4.97
N ILE A 143 -24.93 -9.93 3.80
CA ILE A 143 -24.55 -8.55 3.51
C ILE A 143 -24.71 -8.32 2.02
N SER A 144 -25.21 -7.13 1.67
CA SER A 144 -25.39 -6.73 0.28
C SER A 144 -24.19 -5.93 -0.20
N ALA A 145 -24.11 -5.73 -1.52
CA ALA A 145 -23.01 -4.98 -2.09
C ALA A 145 -23.02 -3.54 -1.59
N THR A 146 -24.20 -2.94 -1.44
CA THR A 146 -24.27 -1.57 -0.94
C THR A 146 -23.88 -1.51 0.53
N GLU A 147 -24.25 -2.53 1.31
CA GLU A 147 -23.84 -2.58 2.71
C GLU A 147 -22.34 -2.80 2.83
N GLN A 148 -21.74 -3.54 1.90
CA GLN A 148 -20.29 -3.68 1.88
C GLN A 148 -19.62 -2.32 1.68
N ILE A 149 -20.15 -1.51 0.75
CA ILE A 149 -19.59 -0.19 0.51
C ILE A 149 -19.73 0.68 1.76
N SER A 150 -20.90 0.65 2.39
CA SER A 150 -21.11 1.38 3.65
C SER A 150 -20.03 1.03 4.67
N PHE A 151 -19.75 -0.27 4.81
CA PHE A 151 -18.74 -0.71 5.77
C PHE A 151 -17.34 -0.29 5.34
N LEU A 152 -17.04 -0.39 4.05
CA LEU A 152 -15.70 -0.02 3.56
C LEU A 152 -15.46 1.48 3.66
N ARG A 153 -16.50 2.30 3.49
CA ARG A 153 -16.35 3.74 3.60
C ARG A 153 -15.96 4.14 5.02
N LYS A 154 -16.55 3.49 6.02
CA LYS A 154 -16.13 3.72 7.40
C LYS A 154 -14.69 3.30 7.62
N LEU A 155 -14.28 2.17 7.03
CA LEU A 155 -12.90 1.72 7.19
C LEU A 155 -11.92 2.70 6.57
N TYR A 156 -12.25 3.23 5.39
CA TYR A 156 -11.36 4.16 4.71
C TYR A 156 -11.13 5.40 5.57
N HIS A 157 -12.19 5.94 6.17
CA HIS A 157 -12.12 7.17 6.95
C HIS A 157 -11.71 6.93 8.40
N ASN A 158 -11.30 5.71 8.75
CA ASN A 158 -10.92 5.36 10.13
C ASN A 158 -12.06 5.61 11.11
N LYS A 159 -13.31 5.54 10.65
CA LYS A 159 -14.46 5.86 11.46
C LYS A 159 -15.18 4.62 11.99
N LEU A 160 -14.60 3.43 11.82
CA LEU A 160 -15.12 2.23 12.46
C LEU A 160 -14.73 2.24 13.94
N HIS A 161 -15.58 1.60 14.75
CA HIS A 161 -15.41 1.59 16.21
C HIS A 161 -14.30 0.63 16.65
N VAL A 162 -13.10 0.86 16.09
CA VAL A 162 -11.88 0.15 16.46
C VAL A 162 -10.73 1.15 16.39
N SER A 163 -9.57 0.75 16.91
CA SER A 163 -8.42 1.64 16.94
C SER A 163 -8.04 2.07 15.51
N GLU A 164 -7.46 3.26 15.41
CA GLU A 164 -6.95 3.70 14.11
C GLU A 164 -5.85 2.76 13.63
N ARG A 165 -4.99 2.31 14.54
CA ARG A 165 -3.93 1.37 14.16
C ARG A 165 -4.51 0.09 13.58
N SER A 166 -5.57 -0.44 14.20
CA SER A 166 -6.22 -1.64 13.67
C SER A 166 -6.70 -1.41 12.24
N GLN A 167 -7.28 -0.24 11.97
CA GLN A 167 -7.81 0.03 10.64
C GLN A 167 -6.68 0.28 9.64
N ARG A 168 -5.58 0.89 10.08
CA ARG A 168 -4.45 1.09 9.18
C ARG A 168 -3.81 -0.24 8.78
N ILE A 169 -3.69 -1.18 9.72
CA ILE A 169 -3.06 -2.45 9.41
C ILE A 169 -3.90 -3.24 8.43
N VAL A 170 -5.22 -3.26 8.63
CA VAL A 170 -6.09 -4.03 7.73
C VAL A 170 -6.07 -3.42 6.33
N LYS A 171 -6.11 -2.09 6.24
CA LYS A 171 -6.05 -1.46 4.92
C LYS A 171 -4.71 -1.71 4.24
N GLN A 172 -3.64 -1.91 5.01
CA GLN A 172 -2.38 -2.36 4.43
C GLN A 172 -2.51 -3.77 3.88
N ALA A 173 -3.16 -4.66 4.64
CA ALA A 173 -3.34 -6.04 4.20
C ALA A 173 -4.23 -6.13 2.96
N MET A 174 -5.13 -5.16 2.78
CA MET A 174 -6.04 -5.17 1.64
C MET A 174 -5.37 -4.78 0.35
N LEU A 175 -4.14 -4.26 0.40
CA LEU A 175 -3.42 -3.84 -0.80
C LEU A 175 -3.37 -4.97 -1.81
N THR A 176 -3.90 -4.71 -3.00
CA THR A 176 -4.02 -5.70 -4.05
C THR A 176 -3.23 -5.33 -5.30
N GLU A 177 -3.25 -4.05 -5.69
CA GLU A 177 -2.52 -3.58 -6.86
C GLU A 177 -2.24 -2.10 -6.71
N ALA A 178 -1.11 -1.67 -7.25
CA ALA A 178 -0.74 -0.26 -7.23
C ALA A 178 0.21 0.03 -8.38
N ASN A 179 0.05 1.22 -8.97
CA ASN A 179 0.90 1.68 -10.07
C ASN A 179 0.82 3.20 -10.10
N GLY A 180 1.33 3.80 -11.18
CA GLY A 180 1.31 5.25 -11.30
C GLY A 180 -0.06 5.85 -11.48
N ASP A 181 -1.09 5.03 -11.71
CA ASP A 181 -2.43 5.53 -12.02
C ASP A 181 -3.43 5.34 -10.89
N TYR A 182 -3.27 4.33 -10.05
CA TYR A 182 -4.27 4.07 -9.02
C TYR A 182 -3.71 3.09 -7.99
N ILE A 183 -4.44 2.97 -6.89
CA ILE A 183 -4.21 1.93 -5.88
C ILE A 183 -5.53 1.20 -5.68
N ILE A 184 -5.49 -0.12 -5.64
CA ILE A 184 -6.65 -0.93 -5.34
C ILE A 184 -6.42 -1.62 -4.01
N ARG A 185 -7.27 -1.35 -3.05
CA ARG A 185 -7.36 -2.10 -1.79
C ARG A 185 -8.68 -2.85 -1.83
N ALA A 186 -8.63 -4.17 -1.72
CA ALA A 186 -9.82 -4.96 -1.96
C ALA A 186 -9.64 -6.36 -1.37
N LYS A 187 -10.75 -7.11 -1.38
CA LYS A 187 -10.76 -8.48 -0.89
C LYS A 187 -11.70 -9.29 -1.76
N THR A 188 -11.22 -10.42 -2.25
CA THR A 188 -12.04 -11.32 -3.05
C THR A 188 -12.85 -12.26 -2.15
N GLY A 189 -13.88 -12.85 -2.74
CA GLY A 189 -14.69 -13.82 -2.03
C GLY A 189 -15.26 -14.83 -3.00
N TYR A 190 -15.46 -16.05 -2.51
CA TYR A 190 -16.04 -17.13 -3.32
C TYR A 190 -16.87 -17.99 -2.37
N SER A 191 -18.19 -17.87 -2.48
CA SER A 191 -19.12 -18.57 -1.58
C SER A 191 -19.56 -19.86 -2.24
N THR A 192 -19.15 -21.00 -1.66
CA THR A 192 -19.44 -22.30 -2.22
C THR A 192 -20.24 -23.22 -1.31
N ARG A 193 -20.38 -22.89 -0.02
CA ARG A 193 -21.00 -23.81 0.90
C ARG A 193 -22.51 -23.85 0.74
N ILE A 194 -23.15 -22.68 0.64
CA ILE A 194 -24.60 -22.58 0.50
C ILE A 194 -24.91 -21.97 -0.87
N GLU A 195 -25.95 -22.50 -1.52
CA GLU A 195 -26.39 -21.91 -2.77
C GLU A 195 -27.06 -20.57 -2.50
N PRO A 196 -26.97 -19.61 -3.45
CA PRO A 196 -26.28 -19.74 -4.73
C PRO A 196 -24.77 -19.48 -4.60
N LYS A 197 -23.99 -20.16 -5.42
CA LYS A 197 -22.55 -19.93 -5.42
C LYS A 197 -22.24 -18.62 -6.12
N ILE A 198 -21.55 -17.72 -5.43
CA ILE A 198 -21.27 -16.38 -5.95
C ILE A 198 -19.81 -16.03 -5.71
N GLY A 199 -19.30 -15.13 -6.53
CA GLY A 199 -18.00 -14.51 -6.33
C GLY A 199 -18.19 -13.09 -5.84
N TRP A 200 -17.22 -12.60 -5.07
CA TRP A 200 -17.21 -11.24 -4.54
C TRP A 200 -15.93 -10.53 -4.97
N TRP A 201 -16.02 -9.22 -5.12
CA TRP A 201 -14.84 -8.35 -5.06
C TRP A 201 -15.30 -7.02 -4.50
N VAL A 202 -14.80 -6.67 -3.31
CA VAL A 202 -15.17 -5.43 -2.64
C VAL A 202 -13.89 -4.71 -2.24
N GLY A 203 -13.95 -3.39 -2.29
CA GLY A 203 -12.78 -2.58 -1.96
C GLY A 203 -12.97 -1.16 -2.48
N TRP A 204 -11.85 -0.56 -2.87
CA TRP A 204 -11.91 0.79 -3.42
C TRP A 204 -10.69 1.05 -4.28
N VAL A 205 -10.82 2.06 -5.15
CA VAL A 205 -9.75 2.53 -6.01
C VAL A 205 -9.35 3.92 -5.53
N GLU A 206 -8.08 4.07 -5.18
CA GLU A 206 -7.55 5.37 -4.77
C GLU A 206 -6.94 6.08 -5.97
N LEU A 207 -7.42 7.28 -6.26
CA LEU A 207 -6.84 8.16 -7.25
C LEU A 207 -6.15 9.32 -6.52
N ASP A 208 -5.50 10.18 -7.29
CA ASP A 208 -4.82 11.33 -6.70
C ASP A 208 -5.79 12.20 -5.91
N ASP A 209 -7.01 12.38 -6.42
CA ASP A 209 -7.94 13.37 -5.90
C ASP A 209 -9.31 12.80 -5.58
N ASN A 210 -9.47 11.48 -5.58
CA ASN A 210 -10.77 10.88 -5.32
C ASN A 210 -10.56 9.41 -4.95
N VAL A 211 -11.62 8.83 -4.38
CA VAL A 211 -11.67 7.40 -4.07
C VAL A 211 -12.96 6.84 -4.62
N TRP A 212 -12.86 5.75 -5.37
CA TRP A 212 -14.02 5.07 -5.94
C TRP A 212 -14.20 3.74 -5.22
N PHE A 213 -15.20 3.68 -4.35
CA PHE A 213 -15.51 2.42 -3.66
C PHE A 213 -16.27 1.52 -4.62
N PHE A 214 -16.01 0.21 -4.52
CA PHE A 214 -16.70 -0.75 -5.37
C PHE A 214 -17.04 -1.99 -4.57
N ALA A 215 -18.17 -2.59 -4.94
CA ALA A 215 -18.57 -3.91 -4.45
C ALA A 215 -19.26 -4.62 -5.59
N MET A 216 -18.77 -5.79 -5.95
CA MET A 216 -19.35 -6.59 -7.02
C MET A 216 -19.59 -8.00 -6.52
N ASN A 217 -20.66 -8.62 -7.04
CA ASN A 217 -20.83 -10.04 -6.88
C ASN A 217 -21.51 -10.58 -8.14
N MET A 218 -21.29 -11.87 -8.40
CA MET A 218 -21.76 -12.50 -9.62
C MET A 218 -22.00 -13.97 -9.35
N ASP A 219 -22.96 -14.55 -10.06
CA ASP A 219 -23.15 -15.98 -10.00
C ASP A 219 -21.89 -16.70 -10.47
N MET A 220 -21.46 -17.70 -9.70
CA MET A 220 -20.24 -18.45 -9.99
C MET A 220 -20.56 -19.93 -10.05
N PRO A 221 -21.27 -20.37 -11.11
CA PRO A 221 -21.60 -21.80 -11.19
C PRO A 221 -20.38 -22.69 -11.30
N THR A 222 -19.34 -22.22 -11.99
CA THR A 222 -18.11 -22.99 -12.15
C THR A 222 -16.91 -22.12 -11.79
N SER A 223 -15.89 -22.78 -11.21
CA SER A 223 -14.72 -22.07 -10.69
C SER A 223 -13.88 -21.42 -11.79
N ASP A 224 -14.02 -21.85 -13.04
CA ASP A 224 -13.20 -21.27 -14.10
C ASP A 224 -13.50 -19.79 -14.33
N GLY A 225 -14.64 -19.31 -13.84
CA GLY A 225 -15.00 -17.91 -13.98
C GLY A 225 -14.49 -17.00 -12.87
N LEU A 226 -13.65 -17.51 -11.97
CA LEU A 226 -13.22 -16.71 -10.82
C LEU A 226 -12.50 -15.44 -11.27
N GLY A 227 -11.73 -15.52 -12.36
CA GLY A 227 -11.05 -14.35 -12.87
C GLY A 227 -11.97 -13.25 -13.32
N LEU A 228 -13.26 -13.56 -13.54
CA LEU A 228 -14.21 -12.56 -14.00
C LEU A 228 -14.57 -11.57 -12.91
N ARG A 229 -14.37 -11.93 -11.63
CA ARG A 229 -14.62 -10.98 -10.54
C ARG A 229 -13.82 -9.70 -10.75
N GLN A 230 -12.52 -9.83 -10.98
CA GLN A 230 -11.68 -8.67 -11.25
C GLN A 230 -11.88 -8.13 -12.66
N ALA A 231 -12.01 -9.02 -13.64
CA ALA A 231 -12.07 -8.58 -15.04
C ALA A 231 -13.29 -7.71 -15.30
N ILE A 232 -14.47 -8.18 -14.90
CA ILE A 232 -15.69 -7.40 -15.12
C ILE A 232 -15.62 -6.08 -14.36
N THR A 233 -15.10 -6.11 -13.13
CA THR A 233 -14.99 -4.87 -12.37
C THR A 233 -14.07 -3.87 -13.07
N LYS A 234 -12.93 -4.34 -13.57
CA LYS A 234 -11.99 -3.42 -14.23
C LYS A 234 -12.53 -2.94 -15.57
N GLU A 235 -13.26 -3.79 -16.29
CA GLU A 235 -13.88 -3.35 -17.54
C GLU A 235 -14.89 -2.24 -17.29
N VAL A 236 -15.65 -2.33 -16.20
CA VAL A 236 -16.56 -1.25 -15.83
C VAL A 236 -15.77 -0.01 -15.43
N LEU A 237 -14.71 -0.19 -14.65
CA LEU A 237 -13.87 0.94 -14.25
C LEU A 237 -13.29 1.64 -15.46
N LYS A 238 -12.78 0.88 -16.43
CA LYS A 238 -12.24 1.49 -17.64
C LYS A 238 -13.31 2.25 -18.41
N GLN A 239 -14.51 1.66 -18.55
CA GLN A 239 -15.57 2.32 -19.30
C GLN A 239 -15.92 3.67 -18.70
N GLU A 240 -15.91 3.76 -17.37
CA GLU A 240 -16.17 5.02 -16.69
C GLU A 240 -14.95 5.92 -16.60
N LYS A 241 -13.86 5.58 -17.31
CA LYS A 241 -12.64 6.38 -17.32
C LYS A 241 -12.08 6.59 -15.93
N ILE A 242 -12.28 5.61 -15.04
CA ILE A 242 -11.74 5.71 -13.69
C ILE A 242 -10.30 5.23 -13.65
N ILE A 243 -10.00 4.16 -14.39
CA ILE A 243 -8.63 3.67 -14.55
C ILE A 243 -8.35 3.58 -16.04
N PRO A 244 -7.10 3.78 -16.50
CA PRO A 244 -6.78 3.69 -17.92
C PRO A 244 -7.09 2.32 -18.52
N MET B 3 29.18 -10.40 4.81
CA MET B 3 28.36 -9.23 5.14
C MET B 3 28.06 -8.40 3.89
N TRP B 4 29.12 -8.02 3.17
CA TRP B 4 29.00 -7.25 1.94
C TRP B 4 29.79 -7.95 0.84
N GLN B 5 29.12 -8.22 -0.28
CA GLN B 5 29.74 -8.80 -1.45
C GLN B 5 29.60 -7.85 -2.63
N GLU B 6 30.64 -7.76 -3.44
CA GLU B 6 30.64 -6.91 -4.64
C GLU B 6 30.40 -7.78 -5.86
N ASN B 7 29.26 -7.58 -6.51
CA ASN B 7 28.89 -8.28 -7.74
C ASN B 7 29.08 -7.31 -8.90
N LYS B 8 30.23 -7.40 -9.58
CA LYS B 8 30.51 -6.48 -10.66
C LYS B 8 29.73 -6.79 -11.94
N SER B 9 29.08 -7.96 -12.02
CA SER B 9 28.30 -8.27 -13.19
C SER B 9 27.11 -7.33 -13.37
N TRP B 10 26.62 -6.72 -12.29
CA TRP B 10 25.54 -5.77 -12.40
C TRP B 10 25.93 -4.53 -13.20
N ASN B 11 27.24 -4.29 -13.38
CA ASN B 11 27.67 -3.11 -14.13
C ASN B 11 27.18 -3.14 -15.57
N ALA B 12 26.93 -4.34 -16.11
CA ALA B 12 26.38 -4.44 -17.46
C ALA B 12 25.05 -3.71 -17.59
N HIS B 13 24.26 -3.69 -16.51
CA HIS B 13 22.99 -2.97 -16.56
C HIS B 13 23.20 -1.47 -16.67
N PHE B 14 24.26 -0.94 -16.03
CA PHE B 14 24.58 0.47 -16.21
C PHE B 14 25.16 0.73 -17.59
N THR B 15 26.09 -0.12 -18.03
CA THR B 15 26.76 0.13 -19.30
C THR B 15 25.78 0.02 -20.47
N GLU B 16 24.86 -0.94 -20.43
CA GLU B 16 23.94 -1.11 -21.54
C GLU B 16 23.05 0.12 -21.76
N HIS B 17 22.92 0.98 -20.75
CA HIS B 17 22.20 2.23 -20.88
C HIS B 17 23.13 3.44 -20.90
N LYS B 18 24.43 3.22 -21.17
CA LYS B 18 25.42 4.29 -21.20
C LYS B 18 25.37 5.11 -19.91
N SER B 19 25.28 4.41 -18.78
CA SER B 19 25.12 5.06 -17.48
C SER B 19 26.17 4.53 -16.53
N GLN B 20 26.35 5.25 -15.42
CA GLN B 20 27.19 4.76 -14.33
C GLN B 20 26.57 5.16 -13.00
N GLY B 21 26.75 4.29 -12.02
CA GLY B 21 26.17 4.50 -10.71
C GLY B 21 26.37 3.26 -9.86
N VAL B 22 25.56 3.15 -8.82
CA VAL B 22 25.65 2.05 -7.87
C VAL B 22 24.24 1.59 -7.52
N VAL B 23 24.07 0.28 -7.40
CA VAL B 23 22.88 -0.32 -6.80
C VAL B 23 23.32 -1.09 -5.57
N VAL B 24 22.61 -0.91 -4.47
CA VAL B 24 22.87 -1.64 -3.23
C VAL B 24 21.60 -2.41 -2.87
N LEU B 25 21.75 -3.71 -2.65
CA LEU B 25 20.66 -4.56 -2.17
C LEU B 25 21.00 -5.10 -0.80
N TRP B 26 19.97 -5.26 0.04
CA TRP B 26 20.14 -5.87 1.36
C TRP B 26 19.07 -6.93 1.55
N ASN B 27 19.51 -8.17 1.74
CA ASN B 27 18.62 -9.30 2.00
C ASN B 27 18.31 -9.33 3.50
N GLU B 28 17.08 -8.96 3.86
CA GLU B 28 16.75 -8.84 5.28
C GLU B 28 16.77 -10.20 5.98
N ASN B 29 16.37 -11.26 5.28
CA ASN B 29 16.36 -12.58 5.90
C ASN B 29 17.77 -13.05 6.23
N LYS B 30 18.65 -13.11 5.22
CA LYS B 30 20.00 -13.59 5.43
C LYS B 30 20.93 -12.54 6.01
N GLN B 31 20.50 -11.28 6.09
CA GLN B 31 21.32 -10.19 6.62
C GLN B 31 22.61 -10.04 5.82
N GLN B 32 22.48 -9.99 4.50
CA GLN B 32 23.60 -9.85 3.59
C GLN B 32 23.33 -8.69 2.64
N GLY B 33 24.40 -7.96 2.32
CA GLY B 33 24.31 -6.88 1.36
C GLY B 33 25.06 -7.21 0.08
N PHE B 34 24.64 -6.58 -1.01
CA PHE B 34 25.26 -6.78 -2.32
C PHE B 34 25.25 -5.46 -3.08
N THR B 35 26.35 -5.20 -3.79
CA THR B 35 26.45 -3.99 -4.60
C THR B 35 27.44 -4.22 -5.73
N ASN B 36 27.29 -3.43 -6.79
CA ASN B 36 28.22 -3.48 -7.90
C ASN B 36 29.47 -2.64 -7.66
N ASN B 37 29.47 -1.78 -6.63
CA ASN B 37 30.54 -0.81 -6.44
C ASN B 37 30.59 -0.45 -4.96
N LEU B 38 31.46 -1.16 -4.22
CA LEU B 38 31.55 -0.93 -2.78
C LEU B 38 31.99 0.49 -2.45
N LYS B 39 32.81 1.10 -3.31
CA LYS B 39 33.27 2.45 -3.05
C LYS B 39 32.13 3.46 -3.21
N ARG B 40 31.46 3.45 -4.37
CA ARG B 40 30.36 4.39 -4.57
C ARG B 40 29.19 4.09 -3.64
N ALA B 41 28.99 2.83 -3.27
CA ALA B 41 27.94 2.48 -2.32
C ALA B 41 28.09 3.26 -1.02
N ASN B 42 29.32 3.66 -0.69
CA ASN B 42 29.62 4.35 0.56
C ASN B 42 30.04 5.81 0.34
N GLN B 43 29.75 6.36 -0.83
CA GLN B 43 29.96 7.78 -1.08
C GLN B 43 28.64 8.53 -0.88
N ALA B 44 28.71 9.67 -0.20
CA ALA B 44 27.53 10.37 0.26
C ALA B 44 27.17 11.50 -0.71
N PHE B 45 25.88 11.59 -1.04
CA PHE B 45 25.37 12.60 -1.95
C PHE B 45 24.24 13.36 -1.26
N LEU B 46 23.84 14.46 -1.88
CA LEU B 46 22.66 15.18 -1.43
C LEU B 46 21.45 14.27 -1.55
N PRO B 47 20.58 14.21 -0.54
CA PRO B 47 19.39 13.34 -0.65
C PRO B 47 18.38 13.85 -1.65
N ALA B 48 18.26 15.17 -1.81
CA ALA B 48 17.27 15.80 -2.68
C ALA B 48 15.89 15.25 -2.29
N SER B 49 15.06 14.81 -3.24
CA SER B 49 13.69 14.47 -2.94
C SER B 49 13.56 13.21 -2.06
N THR B 50 14.62 12.41 -1.92
CA THR B 50 14.55 11.28 -1.00
C THR B 50 14.45 11.74 0.45
N PHE B 51 14.81 12.99 0.72
CA PHE B 51 14.59 13.58 2.04
C PHE B 51 13.11 13.72 2.38
N ALA B 52 12.22 13.48 1.41
CA ALA B 52 10.80 13.51 1.70
C ALA B 52 10.43 12.51 2.79
N ILE B 53 11.18 11.43 2.92
CA ILE B 53 10.84 10.40 3.90
C ILE B 53 11.10 10.89 5.32
N PRO B 54 12.32 11.27 5.71
CA PRO B 54 12.49 11.77 7.08
C PRO B 54 11.73 13.05 7.35
N ASN B 55 11.59 13.91 6.34
CA ASN B 55 10.83 15.14 6.50
C ASN B 55 9.38 14.84 6.88
N SER B 56 8.76 13.87 6.20
CA SER B 56 7.36 13.54 6.47
C SER B 56 7.20 12.90 7.85
N LEU B 57 8.13 12.03 8.23
CA LEU B 57 8.06 11.40 9.55
C LEU B 57 8.09 12.44 10.66
N ILE B 58 8.99 13.42 10.54
CA ILE B 58 9.12 14.44 11.57
C ILE B 58 7.90 15.35 11.59
N ALA B 59 7.44 15.78 10.42
CA ALA B 59 6.28 16.67 10.35
C ALA B 59 5.04 16.03 10.94
N LEU B 60 4.89 14.71 10.75
CA LEU B 60 3.74 14.02 11.34
C LEU B 60 3.89 13.91 12.85
N ASP B 61 5.07 13.52 13.32
CA ASP B 61 5.26 13.30 14.75
C ASP B 61 5.12 14.58 15.55
N LEU B 62 5.51 15.72 14.99
CA LEU B 62 5.44 16.99 15.69
C LEU B 62 4.09 17.68 15.54
N GLY B 63 3.18 17.12 14.75
CA GLY B 63 1.88 17.72 14.55
C GLY B 63 1.81 18.74 13.44
N VAL B 64 2.93 19.00 12.75
CA VAL B 64 2.91 19.92 11.61
C VAL B 64 1.95 19.41 10.54
N VAL B 65 1.80 18.09 10.43
CA VAL B 65 0.83 17.46 9.54
C VAL B 65 -0.07 16.57 10.37
N LYS B 66 -1.38 16.76 10.25
CA LYS B 66 -2.32 15.98 11.06
C LYS B 66 -2.41 14.54 10.57
N ASP B 67 -2.60 14.35 9.27
CA ASP B 67 -2.69 13.02 8.69
C ASP B 67 -2.44 13.09 7.20
N GLU B 68 -2.50 11.92 6.54
CA GLU B 68 -2.24 11.82 5.11
C GLU B 68 -3.33 12.48 4.26
N HIS B 69 -4.44 12.91 4.87
CA HIS B 69 -5.53 13.54 4.13
C HIS B 69 -5.47 15.05 4.13
N GLN B 70 -4.80 15.66 5.10
CA GLN B 70 -4.74 17.11 5.23
C GLN B 70 -4.28 17.74 3.93
N VAL B 71 -5.09 18.66 3.41
CA VAL B 71 -4.79 19.31 2.15
C VAL B 71 -3.76 20.40 2.38
N PHE B 72 -2.77 20.46 1.50
CA PHE B 72 -1.80 21.55 1.47
C PHE B 72 -2.15 22.37 0.23
N LYS B 73 -2.88 23.46 0.45
CA LYS B 73 -3.36 24.24 -0.68
C LYS B 73 -2.20 24.89 -1.43
N TRP B 74 -2.36 24.98 -2.75
CA TRP B 74 -1.45 25.75 -3.59
C TRP B 74 -1.29 27.15 -3.04
N ASP B 75 -0.06 27.66 -3.07
CA ASP B 75 0.19 29.04 -2.68
C ASP B 75 -0.06 30.03 -3.80
N GLY B 76 -0.61 29.56 -4.92
CA GLY B 76 -0.90 30.38 -6.07
C GLY B 76 0.21 30.41 -7.11
N GLN B 77 1.46 30.23 -6.68
CA GLN B 77 2.58 30.41 -7.60
C GLN B 77 2.71 29.23 -8.56
N THR B 78 2.80 29.54 -9.85
CA THR B 78 2.90 28.53 -10.90
C THR B 78 4.35 28.18 -11.15
N ARG B 79 4.67 26.89 -11.10
CA ARG B 79 6.05 26.44 -11.11
C ARG B 79 6.33 25.53 -12.30
N ASP B 80 7.62 25.18 -12.44
CA ASP B 80 8.11 24.53 -13.64
C ASP B 80 7.52 23.15 -13.84
N ILE B 81 7.25 22.43 -12.75
CA ILE B 81 6.72 21.07 -12.81
C ILE B 81 5.21 21.15 -12.65
N ALA B 82 4.48 20.77 -13.70
CA ALA B 82 3.03 20.99 -13.73
C ALA B 82 2.33 20.30 -12.56
N THR B 83 2.78 19.10 -12.20
CA THR B 83 2.16 18.35 -11.13
C THR B 83 2.28 19.04 -9.77
N TRP B 84 3.13 20.06 -9.64
CA TRP B 84 3.19 20.87 -8.43
C TRP B 84 2.12 21.96 -8.39
N ASN B 85 1.51 22.26 -9.53
CA ASN B 85 0.57 23.38 -9.63
C ASN B 85 -0.85 22.85 -9.45
N ARG B 86 -1.10 22.42 -8.21
CA ARG B 86 -2.35 21.82 -7.77
C ARG B 86 -2.26 21.62 -6.26
N ASP B 87 -3.39 21.30 -5.64
CA ASP B 87 -3.40 20.97 -4.23
C ASP B 87 -2.83 19.58 -4.01
N HIS B 88 -2.27 19.35 -2.82
CA HIS B 88 -1.63 18.08 -2.52
C HIS B 88 -1.90 17.71 -1.06
N ASN B 89 -1.81 16.42 -0.79
CA ASN B 89 -1.73 15.88 0.56
C ASN B 89 -0.38 15.19 0.72
N LEU B 90 -0.20 14.49 1.85
CA LEU B 90 1.07 13.83 2.11
C LEU B 90 1.35 12.73 1.08
N ILE B 91 0.30 12.08 0.58
CA ILE B 91 0.49 10.99 -0.39
C ILE B 91 0.95 11.55 -1.74
N THR B 92 0.20 12.52 -2.27
CA THR B 92 0.51 13.06 -3.58
C THR B 92 1.75 13.93 -3.57
N ALA B 93 2.05 14.57 -2.43
CA ALA B 93 3.29 15.34 -2.32
C ALA B 93 4.50 14.43 -2.50
N MET B 94 4.43 13.20 -2.00
CA MET B 94 5.55 12.27 -2.13
C MET B 94 5.65 11.73 -3.56
N LYS B 95 4.50 11.42 -4.17
CA LYS B 95 4.51 10.87 -5.52
C LYS B 95 5.11 11.85 -6.53
N TYR B 96 4.80 13.13 -6.39
CA TYR B 96 5.24 14.14 -7.34
C TYR B 96 6.38 14.99 -6.81
N SER B 97 6.93 14.63 -5.65
CA SER B 97 8.11 15.29 -5.07
C SER B 97 7.93 16.81 -5.01
N VAL B 98 6.83 17.23 -4.37
CA VAL B 98 6.46 18.64 -4.36
C VAL B 98 7.26 19.38 -3.30
N VAL B 99 8.42 19.91 -3.73
CA VAL B 99 9.34 20.57 -2.79
C VAL B 99 8.68 21.71 -2.01
N PRO B 100 7.90 22.61 -2.63
CA PRO B 100 7.28 23.69 -1.83
C PRO B 100 6.56 23.18 -0.59
N VAL B 101 5.90 22.02 -0.70
CA VAL B 101 5.23 21.44 0.45
C VAL B 101 6.25 21.05 1.52
N TYR B 102 7.32 20.37 1.12
CA TYR B 102 8.33 19.95 2.10
C TYR B 102 9.12 21.13 2.64
N GLN B 103 9.24 22.21 1.86
CA GLN B 103 9.88 23.41 2.36
C GLN B 103 9.06 24.05 3.48
N GLU B 104 7.73 24.02 3.35
CA GLU B 104 6.88 24.49 4.42
C GLU B 104 6.98 23.58 5.64
N PHE B 105 7.06 22.25 5.42
CA PHE B 105 7.29 21.31 6.51
C PHE B 105 8.51 21.71 7.33
N ALA B 106 9.64 21.93 6.65
CA ALA B 106 10.90 22.19 7.35
C ALA B 106 10.86 23.50 8.12
N ARG B 107 10.26 24.53 7.54
CA ARG B 107 10.16 25.82 8.23
C ARG B 107 9.44 25.67 9.56
N GLN B 108 8.30 24.98 9.57
CA GLN B 108 7.54 24.82 10.80
C GLN B 108 8.21 23.86 11.78
N ILE B 109 9.06 22.94 11.30
CA ILE B 109 9.80 22.07 12.21
C ILE B 109 10.88 22.87 12.95
N GLY B 110 11.63 23.68 12.22
CA GLY B 110 12.68 24.49 12.79
C GLY B 110 14.03 23.78 12.81
N GLU B 111 15.09 24.60 12.88
CA GLU B 111 16.46 24.07 12.85
C GLU B 111 16.71 23.13 14.01
N ALA B 112 16.39 23.58 15.23
CA ALA B 112 16.73 22.81 16.42
C ALA B 112 16.05 21.45 16.41
N ARG B 113 14.78 21.41 16.04
CA ARG B 113 14.06 20.13 16.04
C ARG B 113 14.47 19.27 14.86
N MET B 114 14.65 19.87 13.68
CA MET B 114 15.16 19.12 12.54
C MET B 114 16.50 18.46 12.87
N SER B 115 17.43 19.24 13.43
CA SER B 115 18.77 18.73 13.71
C SER B 115 18.73 17.61 14.73
N LYS B 116 17.95 17.77 15.80
CA LYS B 116 17.86 16.72 16.81
C LYS B 116 17.22 15.46 16.26
N MET B 117 16.19 15.61 15.44
CA MET B 117 15.48 14.44 14.90
C MET B 117 16.36 13.67 13.93
N LEU B 118 17.11 14.37 13.07
CA LEU B 118 17.98 13.68 12.13
C LEU B 118 19.09 12.93 12.84
N HIS B 119 19.60 13.46 13.96
CA HIS B 119 20.56 12.70 14.74
C HIS B 119 19.89 11.52 15.44
N ALA B 120 18.67 11.72 15.95
CA ALA B 120 17.91 10.61 16.50
C ALA B 120 17.70 9.52 15.45
N PHE B 121 17.49 9.93 14.19
CA PHE B 121 17.34 8.98 13.10
C PHE B 121 18.67 8.39 12.65
N ASP B 122 19.81 8.94 13.07
CA ASP B 122 21.12 8.53 12.58
C ASP B 122 21.18 8.68 11.05
N TYR B 123 20.66 9.79 10.55
CA TYR B 123 20.43 9.98 9.12
C TYR B 123 21.62 10.67 8.46
N GLY B 124 22.28 9.97 7.55
CA GLY B 124 23.35 10.57 6.76
C GLY B 124 24.44 11.15 7.64
N ASN B 125 24.92 12.34 7.27
CA ASN B 125 25.93 13.02 8.07
C ASN B 125 25.32 13.97 9.09
N GLU B 126 23.98 13.97 9.22
CA GLU B 126 23.26 14.68 10.28
C GLU B 126 23.54 16.18 10.28
N ASP B 127 23.91 16.74 9.13
CA ASP B 127 24.29 18.14 9.00
C ASP B 127 23.17 18.89 8.27
N ILE B 128 22.61 19.92 8.91
CA ILE B 128 21.56 20.72 8.29
C ILE B 128 22.09 22.09 7.83
N SER B 129 23.41 22.24 7.76
CA SER B 129 24.00 23.51 7.35
C SER B 129 23.42 23.97 6.02
N GLY B 130 23.19 25.27 5.92
CA GLY B 130 22.41 25.85 4.85
C GLY B 130 21.05 26.30 5.35
N ASN B 131 20.13 26.41 4.41
CA ASN B 131 18.77 26.79 4.74
C ASN B 131 18.04 25.68 5.43
N VAL B 132 17.31 26.03 6.49
CA VAL B 132 16.50 25.05 7.16
C VAL B 132 15.54 24.41 6.18
N ASP B 133 15.26 25.07 5.07
CA ASP B 133 14.25 24.55 4.18
C ASP B 133 14.82 24.24 2.81
N SER B 134 16.13 24.19 2.66
CA SER B 134 16.68 23.74 1.39
C SER B 134 18.00 23.03 1.56
N PHE B 135 18.41 22.72 2.80
CA PHE B 135 19.69 22.06 3.03
C PHE B 135 19.76 20.69 2.38
N TRP B 136 18.61 20.03 2.19
CA TRP B 136 18.62 18.74 1.52
C TRP B 136 18.75 18.85 0.02
N LEU B 137 18.64 20.07 -0.52
CA LEU B 137 18.81 20.34 -1.94
C LEU B 137 20.12 21.04 -2.26
N ASP B 138 20.57 21.98 -1.41
CA ASP B 138 21.82 22.67 -1.67
C ASP B 138 22.65 22.92 -0.42
N GLY B 139 22.38 22.22 0.68
CA GLY B 139 23.08 22.43 1.93
C GLY B 139 24.12 21.35 2.21
N GLY B 140 24.40 21.16 3.49
CA GLY B 140 25.43 20.26 3.92
C GLY B 140 25.04 18.81 4.13
N ILE B 141 23.73 18.50 4.18
CA ILE B 141 23.32 17.13 4.44
C ILE B 141 23.77 16.23 3.29
N ARG B 142 24.39 15.12 3.65
CA ARG B 142 24.82 14.12 2.69
C ARG B 142 24.43 12.75 3.21
N ILE B 143 24.11 11.84 2.30
CA ILE B 143 23.81 10.47 2.68
C ILE B 143 24.29 9.55 1.58
N SER B 144 24.83 8.41 1.98
CA SER B 144 25.28 7.38 1.05
C SER B 144 24.19 6.33 0.87
N ALA B 145 24.39 5.48 -0.15
CA ALA B 145 23.41 4.43 -0.43
C ALA B 145 23.30 3.45 0.73
N THR B 146 24.43 3.05 1.31
CA THR B 146 24.38 2.13 2.45
C THR B 146 23.73 2.79 3.66
N GLU B 147 23.94 4.10 3.85
CA GLU B 147 23.27 4.80 4.93
C GLU B 147 21.78 4.92 4.68
N GLN B 148 21.36 5.04 3.43
CA GLN B 148 19.93 5.03 3.12
C GLN B 148 19.30 3.70 3.50
N ILE B 149 19.99 2.59 3.23
CA ILE B 149 19.48 1.28 3.60
C ILE B 149 19.29 1.18 5.11
N SER B 150 20.32 1.58 5.86
CA SER B 150 20.25 1.52 7.32
C SER B 150 19.06 2.32 7.84
N PHE B 151 18.81 3.49 7.25
CA PHE B 151 17.67 4.31 7.65
C PHE B 151 16.35 3.65 7.27
N LEU B 152 16.28 3.08 6.06
CA LEU B 152 15.04 2.45 5.61
C LEU B 152 14.73 1.18 6.40
N ARG B 153 15.77 0.47 6.84
CA ARG B 153 15.53 -0.75 7.61
C ARG B 153 14.88 -0.43 8.95
N LYS B 154 15.28 0.69 9.58
CA LYS B 154 14.64 1.10 10.83
C LYS B 154 13.18 1.46 10.61
N LEU B 155 12.88 2.18 9.51
CA LEU B 155 11.51 2.55 9.23
C LEU B 155 10.64 1.33 8.96
N TYR B 156 11.19 0.35 8.23
CA TYR B 156 10.43 -0.88 7.98
C TYR B 156 10.01 -1.55 9.28
N HIS B 157 10.92 -1.62 10.25
CA HIS B 157 10.69 -2.30 11.52
C HIS B 157 10.06 -1.41 12.57
N ASN B 158 9.71 -0.16 12.21
CA ASN B 158 9.12 0.80 13.14
C ASN B 158 10.07 1.17 14.28
N LYS B 159 11.38 1.11 14.03
CA LYS B 159 12.40 1.34 15.05
C LYS B 159 12.90 2.78 15.09
N LEU B 160 12.41 3.65 14.23
CA LEU B 160 12.80 5.05 14.27
C LEU B 160 12.22 5.75 15.49
N HIS B 161 12.94 6.76 15.98
CA HIS B 161 12.54 7.46 17.20
C HIS B 161 11.38 8.42 16.94
N VAL B 162 10.31 7.89 16.35
CA VAL B 162 9.04 8.58 16.16
C VAL B 162 7.92 7.58 16.43
N SER B 163 6.68 8.07 16.45
CA SER B 163 5.54 7.21 16.74
C SER B 163 5.37 6.13 15.67
N GLU B 164 4.82 4.99 16.07
CA GLU B 164 4.49 3.95 15.10
C GLU B 164 3.54 4.48 14.04
N ARG B 165 2.55 5.29 14.46
CA ARG B 165 1.60 5.85 13.52
C ARG B 165 2.31 6.68 12.45
N SER B 166 3.26 7.52 12.84
CA SER B 166 4.02 8.31 11.88
C SER B 166 4.73 7.41 10.88
N GLN B 167 5.30 6.30 11.34
CA GLN B 167 6.04 5.43 10.43
C GLN B 167 5.11 4.65 9.52
N ARG B 168 3.95 4.25 10.03
CA ARG B 168 2.97 3.57 9.18
C ARG B 168 2.45 4.48 8.08
N ILE B 169 2.19 5.75 8.41
CA ILE B 169 1.64 6.67 7.41
C ILE B 169 2.67 6.94 6.31
N VAL B 170 3.94 7.11 6.69
CA VAL B 170 4.96 7.42 5.69
C VAL B 170 5.22 6.21 4.80
N LYS B 171 5.17 5.00 5.36
CA LYS B 171 5.33 3.82 4.53
C LYS B 171 4.14 3.64 3.60
N GLN B 172 2.96 4.14 3.98
CA GLN B 172 1.83 4.15 3.07
C GLN B 172 2.06 5.12 1.91
N ALA B 173 2.57 6.32 2.21
CA ALA B 173 2.85 7.29 1.15
C ALA B 173 3.96 6.81 0.23
N MET B 174 4.87 5.98 0.74
CA MET B 174 5.97 5.44 -0.08
C MET B 174 5.50 4.40 -1.08
N LEU B 175 4.24 3.96 -0.99
CA LEU B 175 3.73 2.94 -1.91
C LEU B 175 3.93 3.40 -3.36
N THR B 176 4.61 2.58 -4.14
CA THR B 176 4.92 2.93 -5.51
C THR B 176 4.34 1.93 -6.51
N GLU B 177 4.41 0.63 -6.22
CA GLU B 177 3.90 -0.40 -7.12
C GLU B 177 3.54 -1.64 -6.31
N ALA B 178 2.49 -2.34 -6.76
CA ALA B 178 2.09 -3.58 -6.10
C ALA B 178 1.37 -4.48 -7.09
N ASN B 179 1.58 -5.79 -6.94
CA ASN B 179 0.93 -6.80 -7.75
C ASN B 179 0.95 -8.10 -6.97
N GLY B 180 0.54 -9.19 -7.62
CA GLY B 180 0.56 -10.49 -6.97
C GLY B 180 1.94 -11.01 -6.65
N ASP B 181 2.99 -10.39 -7.19
CA ASP B 181 4.34 -10.87 -6.99
C ASP B 181 5.13 -10.06 -5.97
N TYR B 182 4.86 -8.76 -5.83
CA TYR B 182 5.66 -7.95 -4.92
C TYR B 182 4.97 -6.63 -4.62
N ILE B 183 5.50 -5.93 -3.62
CA ILE B 183 5.14 -4.57 -3.28
C ILE B 183 6.44 -3.76 -3.22
N ILE B 184 6.46 -2.59 -3.86
CA ILE B 184 7.60 -1.69 -3.80
C ILE B 184 7.16 -0.42 -3.08
N ARG B 185 7.84 -0.11 -1.98
CA ARG B 185 7.73 1.17 -1.29
C ARG B 185 9.05 1.89 -1.48
N ALA B 186 9.01 3.09 -2.06
CA ALA B 186 10.25 3.73 -2.49
C ALA B 186 10.04 5.22 -2.67
N LYS B 187 11.14 5.92 -2.89
CA LYS B 187 11.15 7.35 -3.13
C LYS B 187 12.24 7.69 -4.13
N THR B 188 11.89 8.45 -5.15
CA THR B 188 12.85 8.91 -6.15
C THR B 188 13.52 10.20 -5.68
N GLY B 189 14.65 10.49 -6.30
CA GLY B 189 15.37 11.73 -6.05
C GLY B 189 16.13 12.14 -7.28
N TYR B 190 16.35 13.46 -7.40
CA TYR B 190 17.03 14.02 -8.56
C TYR B 190 17.77 15.27 -8.08
N SER B 191 19.07 15.12 -7.87
CA SER B 191 19.90 16.17 -7.30
C SER B 191 20.56 16.95 -8.42
N THR B 192 20.24 18.24 -8.53
CA THR B 192 20.74 19.08 -9.61
C THR B 192 21.52 20.30 -9.17
N ARG B 193 21.33 20.79 -7.94
CA ARG B 193 21.89 22.07 -7.56
C ARG B 193 23.39 22.05 -7.35
N ILE B 194 23.98 20.88 -7.07
CA ILE B 194 25.43 20.75 -6.89
C ILE B 194 25.90 19.53 -7.66
N GLU B 195 27.07 19.66 -8.29
CA GLU B 195 27.65 18.54 -9.00
C GLU B 195 28.23 17.52 -8.02
N PRO B 196 28.19 16.22 -8.37
CA PRO B 196 27.64 15.72 -9.63
C PRO B 196 26.13 15.55 -9.58
N LYS B 197 25.46 15.90 -10.67
CA LYS B 197 24.02 15.67 -10.75
C LYS B 197 23.73 14.17 -10.77
N ILE B 198 22.86 13.73 -9.87
CA ILE B 198 22.59 12.31 -9.69
C ILE B 198 21.08 12.09 -9.54
N GLY B 199 20.67 10.87 -9.86
CA GLY B 199 19.32 10.41 -9.58
C GLY B 199 19.35 9.36 -8.48
N TRP B 200 18.29 9.31 -7.69
CA TRP B 200 18.15 8.37 -6.58
C TRP B 200 16.92 7.50 -6.78
N TRP B 201 16.99 6.26 -6.31
CA TRP B 201 15.80 5.46 -6.01
C TRP B 201 16.13 4.60 -4.80
N VAL B 202 15.43 4.84 -3.70
CA VAL B 202 15.66 4.10 -2.46
C VAL B 202 14.32 3.58 -1.95
N GLY B 203 14.36 2.40 -1.35
CA GLY B 203 13.14 1.77 -0.85
C GLY B 203 13.37 0.30 -0.58
N TRP B 204 12.32 -0.50 -0.78
CA TRP B 204 12.44 -1.93 -0.57
C TRP B 204 11.37 -2.67 -1.36
N VAL B 205 11.60 -3.96 -1.55
CA VAL B 205 10.68 -4.87 -2.23
C VAL B 205 10.16 -5.85 -1.18
N GLU B 206 8.84 -5.86 -0.99
CA GLU B 206 8.22 -6.80 -0.06
C GLU B 206 7.77 -8.04 -0.82
N LEU B 207 8.24 -9.20 -0.39
CA LEU B 207 7.79 -10.48 -0.90
C LEU B 207 6.99 -11.20 0.18
N ASP B 208 6.47 -12.38 -0.15
CA ASP B 208 5.69 -13.16 0.81
C ASP B 208 6.53 -13.47 2.05
N ASP B 209 7.81 -13.81 1.85
CA ASP B 209 8.63 -14.37 2.92
C ASP B 209 9.94 -13.61 3.14
N ASN B 210 10.09 -12.42 2.58
CA ASN B 210 11.35 -11.69 2.69
C ASN B 210 11.11 -10.25 2.28
N VAL B 211 12.09 -9.40 2.59
CA VAL B 211 12.11 -8.00 2.16
C VAL B 211 13.50 -7.69 1.65
N TRP B 212 13.59 -7.12 0.45
CA TRP B 212 14.84 -6.70 -0.15
C TRP B 212 14.88 -5.18 -0.18
N PHE B 213 15.73 -4.59 0.64
CA PHE B 213 15.93 -3.15 0.58
C PHE B 213 16.87 -2.81 -0.58
N PHE B 214 16.68 -1.63 -1.14
CA PHE B 214 17.53 -1.19 -2.23
C PHE B 214 17.79 0.30 -2.13
N ALA B 215 18.99 0.69 -2.56
CA ALA B 215 19.37 2.09 -2.68
C ALA B 215 20.28 2.22 -3.89
N MET B 216 19.87 3.02 -4.86
CA MET B 216 20.66 3.23 -6.06
C MET B 216 20.82 4.71 -6.30
N ASN B 217 21.98 5.07 -6.85
CA ASN B 217 22.15 6.39 -7.45
C ASN B 217 23.01 6.25 -8.69
N MET B 218 22.82 7.18 -9.62
CA MET B 218 23.48 7.14 -10.92
C MET B 218 23.67 8.58 -11.39
N ASP B 219 24.76 8.79 -12.14
CA ASP B 219 24.99 10.10 -12.73
C ASP B 219 23.82 10.48 -13.64
N MET B 220 23.36 11.71 -13.49
CA MET B 220 22.21 12.22 -14.25
C MET B 220 22.56 13.59 -14.82
N PRO B 221 23.42 13.62 -15.85
CA PRO B 221 23.77 14.92 -16.44
C PRO B 221 22.61 15.57 -17.15
N THR B 222 21.65 14.78 -17.62
CA THR B 222 20.49 15.26 -18.35
C THR B 222 19.24 14.58 -17.81
N SER B 223 18.09 15.20 -18.05
CA SER B 223 16.84 14.73 -17.48
C SER B 223 16.21 13.59 -18.28
N ASP B 224 16.70 13.29 -19.49
CA ASP B 224 16.05 12.28 -20.30
C ASP B 224 16.21 10.88 -19.72
N GLY B 225 17.21 10.65 -18.87
CA GLY B 225 17.46 9.33 -18.34
C GLY B 225 16.88 9.08 -16.96
N LEU B 226 15.92 9.90 -16.55
CA LEU B 226 15.36 9.76 -15.20
C LEU B 226 14.69 8.40 -15.01
N GLY B 227 14.03 7.89 -16.06
CA GLY B 227 13.42 6.58 -16.00
C GLY B 227 14.40 5.44 -15.80
N LEU B 228 15.70 5.68 -16.01
CA LEU B 228 16.69 4.65 -15.77
C LEU B 228 16.86 4.33 -14.30
N ARG B 229 16.47 5.26 -13.41
CA ARG B 229 16.54 4.99 -11.97
C ARG B 229 15.77 3.72 -11.62
N GLN B 230 14.51 3.64 -12.08
CA GLN B 230 13.70 2.45 -11.82
C GLN B 230 14.08 1.30 -12.74
N ALA B 231 14.38 1.60 -14.00
CA ALA B 231 14.64 0.55 -14.98
C ALA B 231 15.89 -0.26 -14.62
N ILE B 232 16.99 0.43 -14.32
CA ILE B 232 18.22 -0.27 -13.97
C ILE B 232 18.04 -1.06 -12.67
N THR B 233 17.34 -0.47 -11.69
CA THR B 233 17.10 -1.18 -10.43
C THR B 233 16.30 -2.46 -10.67
N LYS B 234 15.25 -2.39 -11.51
CA LYS B 234 14.44 -3.56 -11.76
C LYS B 234 15.20 -4.60 -12.58
N GLU B 235 16.11 -4.17 -13.45
CA GLU B 235 16.93 -5.12 -14.19
C GLU B 235 17.82 -5.91 -13.25
N VAL B 236 18.40 -5.26 -12.24
CA VAL B 236 19.17 -5.97 -11.23
C VAL B 236 18.27 -6.88 -10.42
N LEU B 237 17.09 -6.38 -10.03
CA LEU B 237 16.14 -7.22 -9.29
C LEU B 237 15.74 -8.44 -10.11
N LYS B 238 15.47 -8.25 -11.40
CA LYS B 238 15.13 -9.37 -12.26
C LYS B 238 16.30 -10.35 -12.38
N GLN B 239 17.52 -9.83 -12.55
CA GLN B 239 18.69 -10.70 -12.68
C GLN B 239 18.85 -11.60 -11.46
N GLU B 240 18.62 -11.05 -10.27
CA GLU B 240 18.74 -11.80 -9.03
C GLU B 240 17.47 -12.58 -8.70
N LYS B 241 16.50 -12.62 -9.61
CA LYS B 241 15.26 -13.38 -9.44
C LYS B 241 14.50 -12.94 -8.19
N ILE B 242 14.57 -11.66 -7.84
CA ILE B 242 13.76 -11.13 -6.75
C ILE B 242 12.37 -10.75 -7.23
N ILE B 243 12.28 -10.22 -8.45
CA ILE B 243 11.00 -9.99 -9.11
C ILE B 243 11.03 -10.73 -10.44
N PRO B 244 9.88 -11.19 -10.97
CA PRO B 244 9.85 -11.86 -12.26
C PRO B 244 10.18 -10.92 -13.41
C1 MER C . -13.37 -17.23 0.29
C2 MER C . -10.60 -18.81 -2.97
C3 MER C . -12.86 -18.59 -0.06
C4 MER C . -11.46 -18.55 -0.71
C5 MER C . -10.84 -17.47 -2.71
O6 MER C . -14.34 -16.74 -0.23
C7 MER C . -12.92 -19.46 1.19
O8 MER C . -12.57 -20.81 0.86
C9 MER C . -14.29 -19.46 1.85
N10 MER C . -11.34 -17.30 -1.43
C11 MER C . -10.71 -16.31 -3.60
O12 MER C . -11.12 -15.18 -3.10
O13 MER C . -10.23 -16.43 -4.72
S14 MER C . -9.97 -19.57 -4.40
C15 MER C . -8.18 -19.67 -4.04
C16 MER C . -7.41 -19.81 -5.34
C17 MER C . -6.98 -18.37 -5.70
C18 MER C . -11.03 -19.61 -1.76
N19 MER C . -7.32 -17.53 -4.55
C20 MER C . -12.10 -20.63 -2.13
C21 MER C . -7.60 -18.40 -3.41
C22 MER C . -7.67 -17.89 -6.97
N23 MER C . -7.32 -18.43 -8.15
O24 MER C . -8.51 -17.01 -6.90
C25 MER C . -5.94 -18.79 -8.47
C26 MER C . -8.30 -18.69 -9.20
CL CL D . -0.12 0.46 1.89
CL CL E . -14.58 -23.43 2.50
ZN ZN F . -15.23 -8.56 -20.85
C1 MER G . 13.66 15.75 -6.02
C2 MER G . 11.90 15.48 -10.10
C3 MER G . 13.33 16.78 -7.05
C4 MER G . 12.05 16.44 -7.85
C5 MER G . 11.96 14.47 -9.15
O6 MER G . 14.69 15.10 -6.10
C7 MER G . 13.32 18.15 -6.35
O8 MER G . 12.83 19.15 -7.24
C9 MER G . 14.70 18.55 -5.87
N10 MER G . 12.02 14.99 -7.88
C11 MER G . 12.09 13.03 -9.36
O12 MER G . 12.32 12.33 -8.26
O13 MER G . 11.96 12.52 -10.45
S14 MER G . 11.85 15.41 -11.82
C15 MER G . 10.06 15.30 -12.17
C16 MER G . 9.76 15.95 -13.52
C17 MER G . 8.77 15.00 -14.20
C18 MER G . 11.93 16.81 -9.36
N19 MER G . 9.10 13.66 -13.68
C20 MER G . 13.02 17.71 -9.90
C21 MER G . 9.59 13.84 -12.32
C22 MER G . 8.90 15.06 -15.72
N23 MER G . 7.83 15.39 -16.45
O24 MER G . 9.97 14.79 -16.24
C25 MER G . 6.48 15.43 -15.87
C26 MER G . 7.92 15.75 -17.86
CL CL H . 14.77 21.81 -7.08
CL CL I . 22.60 -2.02 6.96
ZN ZN J . 18.40 -2.27 -19.66
#